data_5RHQ
#
_entry.id   5RHQ
#
_cell.length_a   53.720
_cell.length_b   69.038
_cell.length_c   57.246
_cell.angle_alpha   90.000
_cell.angle_beta   92.310
_cell.angle_gamma   90.000
#
_symmetry.space_group_name_H-M   'P 1 21 1'
#
loop_
_entity.id
_entity.type
_entity.pdbx_description
1 polymer 'NS3 Helicase'
2 non-polymer 1,2-ETHANEDIOL
3 non-polymer 'PHOSPHATE ION'
4 non-polymer (4S)-2-METHYL-2,4-PENTANEDIOL
5 non-polymer [4-(1H-benzimidazol-1-yl)phenyl]methanol
6 water water
#
_entity_poly.entity_id   1
_entity_poly.type   'polypeptide(L)'
_entity_poly.pdbx_seq_one_letter_code
;MLKKKQLTVLDLHPGAGKTRRVLPEIVREAIKKRLRTVILAPTRVVAAEMEEALRGLPVRYMTTAVNVTHSGTEIVDLMC
HATFTSRLLQPIRVPNYNLNIMDEAHFTDPSSIAARGYISTRVEMGEAAAIFMTATPPGTRDAFPDSNSPIMDTEVEVPE
RAWSSGFDWVTDHSGKTVWFVPSVRNGNEIAACLTKAGKRVIQLSRKTFETEFQKTKNQEWDFVITTDISEMGANFKADR
VIDSRRCLKPVILDGERVILAGPMPVTHASAAQRRGRIGRNPNKPGDEYMYGGGCAETDEGHAHWLEARMLLDNIYLQDG
LIASLYRPEADKVAAIEGEFKLRTEQRKTFVELMKRGDLPVWLAYQVASAGITYTDRRWCFDGTTNNTIMEDSVPAEVWT
KYGEKRVLKPRWMDARVCSDHAALKSFKEFAAGKR
;
_entity_poly.pdbx_strand_id   A
#
# COMPACT_ATOMS: atom_id res chain seq x y z
N MET A 1 15.76 22.72 -2.26
CA MET A 1 15.44 21.33 -1.79
C MET A 1 16.63 20.38 -2.02
N LEU A 2 17.45 20.66 -3.05
CA LEU A 2 18.33 19.64 -3.68
C LEU A 2 19.67 19.49 -2.91
N LYS A 3 19.94 20.41 -1.96
CA LYS A 3 21.13 20.46 -1.03
C LYS A 3 21.20 19.23 -0.13
N LYS A 4 22.41 18.70 0.04
CA LYS A 4 22.65 17.47 0.83
C LYS A 4 22.07 17.70 2.23
N LYS A 5 21.87 16.61 2.95
CA LYS A 5 21.36 16.59 4.33
C LYS A 5 20.02 17.33 4.39
N GLN A 6 19.28 17.51 3.29
CA GLN A 6 17.92 18.12 3.44
C GLN A 6 16.82 17.10 3.10
N LEU A 7 15.84 16.95 3.99
CA LEU A 7 14.57 16.26 3.69
C LEU A 7 13.46 17.30 3.64
N THR A 8 12.86 17.49 2.48
CA THR A 8 11.73 18.42 2.25
C THR A 8 10.40 17.66 2.18
N VAL A 9 9.41 18.08 2.95
CA VAL A 9 8.03 17.54 2.84
C VAL A 9 7.29 18.52 1.93
N LEU A 10 6.98 18.07 0.74
CA LEU A 10 6.20 18.84 -0.24
C LEU A 10 4.75 18.44 0.01
N ASP A 11 4.05 19.28 0.81
CA ASP A 11 2.71 18.99 1.39
C ASP A 11 1.66 19.91 0.76
N LEU A 12 1.78 20.21 -0.54
CA LEU A 12 0.68 20.89 -1.25
C LEU A 12 -0.59 20.04 -1.12
N HIS A 13 -1.75 20.68 -1.11
CA HIS A 13 -3.06 19.99 -1.00
C HIS A 13 -3.28 18.99 -2.16
N PRO A 14 -4.17 18.02 -1.96
CA PRO A 14 -4.43 17.05 -3.02
C PRO A 14 -4.86 17.77 -4.32
N GLY A 15 -4.34 17.36 -5.48
CA GLY A 15 -4.65 17.95 -6.80
C GLY A 15 -3.91 19.26 -7.03
N ALA A 16 -2.96 19.66 -6.19
CA ALA A 16 -2.26 20.97 -6.33
C ALA A 16 -1.21 20.92 -7.45
N GLY A 17 -0.91 19.74 -7.99
CA GLY A 17 0.02 19.55 -9.14
C GLY A 17 1.39 19.03 -8.72
N LYS A 18 1.50 18.39 -7.55
CA LYS A 18 2.82 17.87 -7.07
C LYS A 18 3.41 16.95 -8.14
N THR A 19 2.60 16.04 -8.67
CA THR A 19 3.09 15.01 -9.62
C THR A 19 3.30 15.63 -11.01
N ARG A 20 2.33 16.38 -11.57
CA ARG A 20 2.38 16.76 -13.01
C ARG A 20 3.10 18.11 -13.20
N ARG A 21 3.20 18.96 -12.17
CA ARG A 21 3.82 20.29 -12.34
C ARG A 21 5.16 20.35 -11.60
N VAL A 22 5.19 20.03 -10.30
CA VAL A 22 6.39 20.25 -9.45
C VAL A 22 7.44 19.17 -9.75
N LEU A 23 7.02 17.92 -9.86
CA LEU A 23 8.02 16.83 -10.04
C LEU A 23 8.88 17.08 -11.29
N PRO A 24 8.35 17.44 -12.48
CA PRO A 24 9.22 17.64 -13.64
C PRO A 24 10.23 18.79 -13.43
N GLU A 25 9.83 19.83 -12.69
CA GLU A 25 10.74 20.96 -12.36
C GLU A 25 11.87 20.43 -11.48
N ILE A 26 11.55 19.60 -10.47
CA ILE A 26 12.58 19.01 -9.60
C ILE A 26 13.53 18.17 -10.45
N VAL A 27 12.99 17.33 -11.33
CA VAL A 27 13.80 16.40 -12.15
C VAL A 27 14.71 17.19 -13.09
N ARG A 28 14.21 18.25 -13.71
CA ARG A 28 15.06 19.08 -14.58
C ARG A 28 16.22 19.67 -13.79
N GLU A 29 15.94 20.22 -12.60
CA GLU A 29 16.99 20.80 -11.72
C GLU A 29 17.99 19.72 -11.32
N ALA A 30 17.53 18.53 -10.94
CA ALA A 30 18.41 17.42 -10.54
C ALA A 30 19.39 17.04 -11.66
N ILE A 31 18.88 16.92 -12.88
CA ILE A 31 19.69 16.57 -14.08
C ILE A 31 20.73 17.68 -14.33
N LYS A 32 20.33 18.95 -14.23
CA LYS A 32 21.25 20.12 -14.40
C LYS A 32 22.41 19.98 -13.40
N LYS A 33 22.11 19.59 -12.15
CA LYS A 33 23.10 19.49 -11.06
C LYS A 33 23.78 18.12 -11.03
N ARG A 34 23.52 17.23 -12.00
CA ARG A 34 24.16 15.88 -12.10
C ARG A 34 23.92 15.11 -10.80
N LEU A 35 22.72 15.19 -10.26
CA LEU A 35 22.32 14.39 -9.05
C LEU A 35 21.76 13.05 -9.52
N ARG A 36 22.41 11.97 -9.15
CA ARG A 36 21.85 10.60 -9.34
C ARG A 36 20.56 10.57 -8.52
N THR A 37 19.45 10.35 -9.18
CA THR A 37 18.12 10.59 -8.54
C THR A 37 17.26 9.35 -8.69
N VAL A 38 16.52 9.03 -7.64
CA VAL A 38 15.46 8.01 -7.71
C VAL A 38 14.12 8.67 -7.47
N ILE A 39 13.12 8.26 -8.25
CA ILE A 39 11.71 8.64 -8.10
C ILE A 39 10.95 7.37 -7.74
N LEU A 40 10.22 7.40 -6.66
CA LEU A 40 9.51 6.22 -6.13
C LEU A 40 8.01 6.46 -6.28
N ALA A 41 7.41 5.63 -7.11
CA ALA A 41 5.95 5.62 -7.35
C ALA A 41 5.31 4.55 -6.49
N PRO A 42 4.14 4.82 -5.88
CA PRO A 42 3.49 3.81 -5.06
C PRO A 42 3.01 2.58 -5.83
N THR A 43 2.57 2.78 -7.07
CA THR A 43 1.90 1.76 -7.91
C THR A 43 2.38 1.89 -9.34
N ARG A 44 2.21 0.83 -10.13
N ARG A 44 2.17 0.84 -10.13
CA ARG A 44 2.55 0.82 -11.58
CA ARG A 44 2.52 0.81 -11.57
C ARG A 44 1.65 1.83 -12.30
C ARG A 44 1.64 1.82 -12.30
N VAL A 45 0.40 2.01 -11.84
CA VAL A 45 -0.53 3.01 -12.44
C VAL A 45 0.12 4.37 -12.28
N VAL A 46 0.64 4.70 -11.11
CA VAL A 46 1.26 6.03 -10.91
C VAL A 46 2.55 6.12 -11.71
N ALA A 47 3.36 5.06 -11.77
CA ALA A 47 4.58 5.02 -12.59
C ALA A 47 4.26 5.44 -14.03
N ALA A 48 3.23 4.84 -14.63
CA ALA A 48 2.80 5.17 -16.02
C ALA A 48 2.34 6.63 -16.12
N GLU A 49 1.62 7.17 -15.14
CA GLU A 49 1.21 8.61 -15.16
C GLU A 49 2.43 9.53 -15.05
N MET A 50 3.42 9.13 -14.26
CA MET A 50 4.69 9.88 -14.14
C MET A 50 5.40 9.90 -15.48
N GLU A 51 5.43 8.79 -16.22
CA GLU A 51 6.13 8.78 -17.52
C GLU A 51 5.53 9.88 -18.41
N GLU A 52 4.21 10.04 -18.40
CA GLU A 52 3.54 11.07 -19.23
C GLU A 52 3.92 12.48 -18.75
N ALA A 53 4.00 12.70 -17.44
CA ALA A 53 4.40 13.99 -16.82
C ALA A 53 5.86 14.33 -17.12
N LEU A 54 6.70 13.31 -17.32
CA LEU A 54 8.17 13.48 -17.43
C LEU A 54 8.59 13.25 -18.88
N ARG A 55 7.65 13.11 -19.81
CA ARG A 55 7.99 12.76 -21.21
C ARG A 55 8.95 13.83 -21.76
N GLY A 56 10.03 13.39 -22.42
CA GLY A 56 11.08 14.30 -22.92
C GLY A 56 12.29 14.33 -22.01
N LEU A 57 12.11 14.06 -20.72
CA LEU A 57 13.22 14.06 -19.73
C LEU A 57 13.88 12.68 -19.71
N PRO A 58 15.22 12.62 -19.57
CA PRO A 58 15.93 11.35 -19.54
C PRO A 58 15.78 10.62 -18.19
N VAL A 59 14.81 9.72 -18.16
CA VAL A 59 14.44 8.95 -16.94
C VAL A 59 14.47 7.46 -17.30
N ARG A 60 15.12 6.64 -16.47
CA ARG A 60 15.15 5.18 -16.65
C ARG A 60 13.97 4.61 -15.86
N TYR A 61 13.04 3.99 -16.56
CA TYR A 61 11.79 3.42 -15.98
C TYR A 61 12.04 1.97 -15.60
N MET A 62 12.34 1.76 -14.33
CA MET A 62 12.67 0.43 -13.80
C MET A 62 11.38 -0.30 -13.42
N THR A 63 10.49 -0.49 -14.40
CA THR A 63 9.10 -1.05 -14.25
C THR A 63 8.66 -1.44 -15.67
N THR A 64 8.03 -2.61 -15.85
CA THR A 64 7.42 -3.04 -17.15
C THR A 64 6.02 -2.41 -17.29
N ALA A 65 5.65 -1.47 -16.41
CA ALA A 65 4.44 -0.63 -16.55
C ALA A 65 4.61 0.39 -17.70
N VAL A 66 5.86 0.69 -18.06
CA VAL A 66 6.29 1.66 -19.11
C VAL A 66 6.98 0.84 -20.20
N ASN A 67 6.49 0.92 -21.45
CA ASN A 67 7.18 0.30 -22.62
C ASN A 67 8.00 1.42 -23.22
N VAL A 68 9.31 1.51 -22.89
CA VAL A 68 10.26 2.51 -23.46
C VAL A 68 11.63 1.89 -23.71
N THR A 69 12.32 2.43 -24.71
CA THR A 69 13.72 2.15 -25.05
C THR A 69 14.58 3.23 -24.38
N HIS A 70 15.32 2.87 -23.33
CA HIS A 70 16.28 3.77 -22.62
C HIS A 70 17.49 4.10 -23.50
N SER A 71 18.06 5.29 -23.33
CA SER A 71 19.31 5.74 -23.99
C SER A 71 20.52 5.03 -23.39
N GLY A 72 20.46 4.62 -22.12
CA GLY A 72 21.61 4.11 -21.37
C GLY A 72 22.35 5.21 -20.63
N THR A 73 21.96 6.47 -20.83
CA THR A 73 22.64 7.66 -20.23
C THR A 73 21.78 8.35 -19.14
N GLU A 74 20.63 7.79 -18.75
CA GLU A 74 19.79 8.41 -17.71
C GLU A 74 20.52 8.36 -16.35
N ILE A 75 20.46 9.47 -15.60
CA ILE A 75 20.92 9.44 -14.18
C ILE A 75 19.72 9.53 -13.22
N VAL A 76 18.52 9.52 -13.74
CA VAL A 76 17.26 9.56 -12.94
C VAL A 76 16.60 8.21 -13.14
N ASP A 77 16.37 7.48 -12.05
CA ASP A 77 15.70 6.18 -12.11
C ASP A 77 14.30 6.34 -11.53
N LEU A 78 13.30 5.64 -12.06
CA LEU A 78 11.94 5.62 -11.50
C LEU A 78 11.58 4.16 -11.24
N MET A 79 11.16 3.86 -10.04
CA MET A 79 10.71 2.51 -9.71
C MET A 79 9.63 2.59 -8.68
N CYS A 80 8.98 1.47 -8.40
CA CYS A 80 7.92 1.48 -7.35
C CYS A 80 8.56 1.49 -5.95
N HIS A 81 7.82 1.99 -4.96
CA HIS A 81 8.29 1.95 -3.55
C HIS A 81 8.76 0.52 -3.20
N ALA A 82 7.94 -0.48 -3.51
CA ALA A 82 8.23 -1.88 -3.14
C ALA A 82 9.48 -2.41 -3.86
N THR A 83 9.73 -1.98 -5.10
CA THR A 83 10.90 -2.38 -5.88
C THR A 83 12.18 -1.83 -5.23
N PHE A 84 12.10 -0.60 -4.73
CA PHE A 84 13.29 -0.01 -4.07
C PHE A 84 13.67 -0.84 -2.84
N THR A 85 12.68 -1.10 -1.97
CA THR A 85 12.99 -1.82 -0.73
C THR A 85 13.40 -3.27 -1.09
N SER A 86 12.76 -3.85 -2.10
CA SER A 86 13.07 -5.23 -2.54
C SER A 86 14.55 -5.33 -2.97
N ARG A 87 15.00 -4.39 -3.80
CA ARG A 87 16.39 -4.39 -4.30
C ARG A 87 17.36 -4.13 -3.14
N LEU A 88 17.00 -3.29 -2.18
CA LEU A 88 17.89 -3.07 -1.01
C LEU A 88 18.09 -4.38 -0.23
N LEU A 89 17.02 -5.15 -0.08
CA LEU A 89 17.08 -6.43 0.67
C LEU A 89 17.92 -7.49 -0.06
N GLN A 90 17.90 -7.47 -1.39
CA GLN A 90 18.54 -8.53 -2.21
C GLN A 90 20.00 -8.21 -2.42
N PRO A 91 20.80 -9.22 -2.82
CA PRO A 91 22.22 -9.05 -3.14
C PRO A 91 22.35 -8.44 -4.53
N ILE A 92 21.80 -7.25 -4.68
CA ILE A 92 21.88 -6.47 -5.93
C ILE A 92 22.33 -5.08 -5.51
N ARG A 93 23.20 -4.49 -6.31
CA ARG A 93 23.75 -3.12 -6.14
C ARG A 93 22.60 -2.12 -6.37
N VAL A 94 22.36 -1.32 -5.35
CA VAL A 94 21.44 -0.16 -5.49
C VAL A 94 22.33 1.07 -5.38
N PRO A 95 22.31 1.97 -6.37
CA PRO A 95 23.22 3.11 -6.30
C PRO A 95 22.89 3.93 -5.04
N ASN A 96 23.87 4.69 -4.56
CA ASN A 96 23.67 5.59 -3.40
C ASN A 96 23.11 6.91 -3.94
N TYR A 97 21.79 7.00 -4.17
CA TYR A 97 21.11 8.13 -4.84
C TYR A 97 21.37 9.42 -4.05
N ASN A 98 21.82 10.46 -4.75
CA ASN A 98 22.05 11.80 -4.14
C ASN A 98 20.71 12.44 -3.80
N LEU A 99 19.67 12.22 -4.61
CA LEU A 99 18.33 12.78 -4.39
C LEU A 99 17.33 11.61 -4.46
N ASN A 100 16.48 11.58 -3.44
CA ASN A 100 15.49 10.50 -3.23
C ASN A 100 14.12 11.16 -3.20
N ILE A 101 13.32 10.96 -4.22
CA ILE A 101 11.98 11.56 -4.30
C ILE A 101 10.93 10.47 -4.11
N MET A 102 10.08 10.61 -3.12
CA MET A 102 9.00 9.63 -2.91
C MET A 102 7.68 10.30 -3.20
N ASP A 103 7.00 9.89 -4.25
CA ASP A 103 5.61 10.34 -4.48
C ASP A 103 4.64 9.49 -3.67
N GLU A 104 3.49 10.11 -3.33
CA GLU A 104 2.44 9.50 -2.46
C GLU A 104 3.14 8.94 -1.21
N ALA A 105 3.92 9.78 -0.52
CA ALA A 105 4.85 9.40 0.55
C ALA A 105 4.09 9.08 1.85
N HIS A 106 2.77 9.14 1.82
CA HIS A 106 1.90 8.73 2.95
C HIS A 106 1.69 7.22 2.95
N PHE A 107 2.03 6.51 1.87
CA PHE A 107 1.69 5.09 1.72
C PHE A 107 2.19 4.33 2.95
N THR A 108 1.31 3.53 3.57
CA THR A 108 1.61 2.83 4.83
C THR A 108 1.86 1.32 4.61
N ASP A 109 2.09 0.88 3.39
CA ASP A 109 2.54 -0.52 3.21
C ASP A 109 3.94 -0.64 3.81
N PRO A 110 4.30 -1.80 4.40
CA PRO A 110 5.58 -2.02 5.04
C PRO A 110 6.75 -1.57 4.19
N SER A 111 6.78 -1.94 2.88
CA SER A 111 7.92 -1.55 2.04
C SER A 111 8.06 -0.03 1.93
N SER A 112 6.97 0.70 1.90
CA SER A 112 6.97 2.18 1.78
C SER A 112 7.49 2.79 3.09
N ILE A 113 7.03 2.28 4.23
CA ILE A 113 7.52 2.79 5.52
C ILE A 113 9.02 2.50 5.60
N ALA A 114 9.45 1.28 5.19
CA ALA A 114 10.88 0.94 5.26
C ALA A 114 11.68 1.86 4.33
N ALA A 115 11.18 2.10 3.12
CA ALA A 115 11.89 2.98 2.16
C ALA A 115 12.07 4.35 2.85
N ARG A 116 11.04 4.90 3.46
CA ARG A 116 11.16 6.24 4.12
C ARG A 116 12.16 6.19 5.25
N GLY A 117 12.27 5.09 5.95
CA GLY A 117 13.25 4.90 7.05
C GLY A 117 14.66 4.95 6.55
N TYR A 118 14.89 4.17 5.49
CA TYR A 118 16.22 4.08 4.86
C TYR A 118 16.62 5.46 4.33
N ILE A 119 15.74 6.10 3.56
CA ILE A 119 16.04 7.38 2.89
C ILE A 119 16.29 8.44 3.97
N SER A 120 15.42 8.53 4.97
CA SER A 120 15.51 9.59 6.00
C SER A 120 16.79 9.38 6.80
N THR A 121 17.22 8.15 7.01
CA THR A 121 18.47 7.82 7.74
C THR A 121 19.65 8.29 6.87
N ARG A 122 19.65 8.02 5.56
CA ARG A 122 20.76 8.49 4.69
C ARG A 122 20.83 10.02 4.78
N VAL A 123 19.69 10.70 4.76
CA VAL A 123 19.68 12.19 4.85
C VAL A 123 20.24 12.63 6.22
N GLU A 124 19.80 12.01 7.30
CA GLU A 124 20.30 12.35 8.66
C GLU A 124 21.80 12.11 8.74
N MET A 125 22.36 11.11 8.05
CA MET A 125 23.81 10.83 8.05
C MET A 125 24.59 11.87 7.26
N GLY A 126 23.92 12.73 6.51
CA GLY A 126 24.56 13.80 5.72
C GLY A 126 24.92 13.32 4.32
N GLU A 127 24.35 12.22 3.87
CA GLU A 127 24.78 11.45 2.69
C GLU A 127 23.94 11.81 1.45
N ALA A 128 22.78 12.43 1.61
CA ALA A 128 21.75 12.50 0.56
C ALA A 128 20.72 13.59 0.87
N ALA A 129 19.89 13.89 -0.10
CA ALA A 129 18.73 14.76 0.00
C ALA A 129 17.49 13.90 -0.29
N ALA A 130 16.36 14.34 0.18
CA ALA A 130 15.11 13.64 -0.09
C ALA A 130 13.96 14.61 -0.19
N ILE A 131 12.99 14.27 -0.99
CA ILE A 131 11.72 15.00 -1.09
C ILE A 131 10.61 13.97 -0.92
N PHE A 132 9.75 14.18 0.07
CA PHE A 132 8.55 13.36 0.30
C PHE A 132 7.33 14.15 -0.15
N MET A 133 6.67 13.70 -1.20
CA MET A 133 5.53 14.39 -1.81
C MET A 133 4.25 13.75 -1.28
N THR A 134 3.46 14.51 -0.53
CA THR A 134 2.14 14.09 0.02
C THR A 134 1.42 15.29 0.63
N ALA A 135 0.11 15.35 0.37
CA ALA A 135 -0.82 16.27 1.04
C ALA A 135 -0.96 15.93 2.52
N THR A 136 -0.63 14.70 2.93
CA THR A 136 -0.96 14.17 4.27
C THR A 136 0.27 13.50 4.87
N PRO A 137 1.24 14.28 5.37
CA PRO A 137 2.39 13.71 6.06
C PRO A 137 2.02 13.00 7.36
N PRO A 138 2.89 12.11 7.90
CA PRO A 138 2.55 11.37 9.12
C PRO A 138 2.12 12.26 10.28
N GLY A 139 1.03 11.89 10.93
CA GLY A 139 0.52 12.61 12.12
C GLY A 139 -0.32 13.82 11.75
N THR A 140 -0.57 14.08 10.46
CA THR A 140 -1.56 15.11 10.07
C THR A 140 -2.87 14.81 10.79
N ARG A 141 -3.51 15.86 11.27
CA ARG A 141 -4.75 15.80 12.06
C ARG A 141 -5.87 16.47 11.29
N ASP A 142 -5.62 16.82 10.02
CA ASP A 142 -6.63 17.55 9.19
C ASP A 142 -7.23 16.61 8.13
N ALA A 143 -8.45 16.15 8.35
CA ALA A 143 -9.17 15.26 7.38
C ALA A 143 -9.82 16.07 6.26
N PHE A 144 -9.82 17.39 6.34
CA PHE A 144 -10.53 18.24 5.35
C PHE A 144 -9.64 19.34 4.75
N PRO A 145 -8.51 18.95 4.13
CA PRO A 145 -7.63 19.94 3.53
C PRO A 145 -8.26 20.70 2.37
N ASP A 146 -7.52 21.67 1.87
CA ASP A 146 -7.95 22.46 0.71
C ASP A 146 -8.06 21.55 -0.52
N SER A 147 -8.79 22.02 -1.51
CA SER A 147 -9.05 21.32 -2.78
C SER A 147 -9.05 22.37 -3.90
N ASN A 148 -8.99 21.89 -5.12
CA ASN A 148 -9.05 22.74 -6.34
C ASN A 148 -10.44 23.39 -6.45
N SER A 149 -11.53 22.71 -6.06
CA SER A 149 -12.90 23.27 -6.05
C SER A 149 -13.60 22.93 -4.76
N PRO A 150 -14.55 23.77 -4.31
CA PRO A 150 -15.28 23.51 -3.09
C PRO A 150 -15.91 22.11 -3.10
N ILE A 151 -15.79 21.48 -1.93
CA ILE A 151 -16.39 20.15 -1.64
C ILE A 151 -17.56 20.31 -0.68
N MET A 152 -18.63 19.58 -0.93
CA MET A 152 -19.78 19.46 0.00
C MET A 152 -19.46 18.30 0.95
N ASP A 153 -19.13 18.58 2.22
CA ASP A 153 -18.82 17.54 3.24
C ASP A 153 -20.09 17.23 4.04
N THR A 154 -20.53 15.97 4.08
CA THR A 154 -21.71 15.60 4.86
C THR A 154 -21.39 14.36 5.68
N GLU A 155 -21.59 14.45 6.99
CA GLU A 155 -21.57 13.28 7.90
C GLU A 155 -22.90 12.56 7.78
N VAL A 156 -22.89 11.29 7.41
CA VAL A 156 -24.12 10.52 7.09
C VAL A 156 -23.84 9.04 7.38
N GLU A 157 -24.87 8.29 7.81
CA GLU A 157 -24.73 6.83 7.99
C GLU A 157 -24.55 6.20 6.59
N VAL A 158 -23.49 5.44 6.45
CA VAL A 158 -23.12 4.80 5.18
C VAL A 158 -23.34 3.32 5.37
N PRO A 159 -24.03 2.63 4.43
CA PRO A 159 -24.14 1.19 4.54
C PRO A 159 -22.82 0.47 4.44
N GLU A 160 -22.70 -0.64 5.17
CA GLU A 160 -21.53 -1.56 5.13
C GLU A 160 -22.02 -2.97 4.81
N ARG A 161 -23.32 -3.09 4.52
CA ARG A 161 -23.98 -4.34 4.14
C ARG A 161 -24.98 -4.03 3.04
N ALA A 162 -25.47 -5.06 2.37
CA ALA A 162 -26.64 -4.93 1.47
C ALA A 162 -27.76 -4.22 2.24
N TRP A 163 -28.52 -3.38 1.55
CA TRP A 163 -29.66 -2.63 2.14
C TRP A 163 -30.85 -2.71 1.17
N SER A 164 -32.07 -2.63 1.72
CA SER A 164 -33.35 -2.64 0.98
C SER A 164 -34.02 -1.27 1.03
N SER A 165 -33.70 -0.43 2.02
CA SER A 165 -34.39 0.84 2.29
C SER A 165 -33.53 1.71 3.20
N GLY A 166 -33.83 2.99 3.24
CA GLY A 166 -33.25 3.93 4.21
C GLY A 166 -31.99 4.62 3.71
N PHE A 167 -31.48 4.24 2.54
CA PHE A 167 -30.28 4.90 1.92
C PHE A 167 -30.57 5.38 0.48
N ASP A 168 -31.72 5.99 0.25
CA ASP A 168 -32.11 6.31 -1.16
C ASP A 168 -31.05 7.23 -1.77
N TRP A 169 -30.45 8.10 -0.98
CA TRP A 169 -29.42 9.07 -1.48
C TRP A 169 -28.28 8.34 -2.18
N VAL A 170 -28.02 7.10 -1.80
CA VAL A 170 -26.89 6.36 -2.44
C VAL A 170 -27.21 6.15 -3.93
N THR A 171 -28.40 5.63 -4.23
CA THR A 171 -28.75 5.16 -5.59
C THR A 171 -29.43 6.28 -6.38
N ASP A 172 -29.95 7.30 -5.73
CA ASP A 172 -30.67 8.40 -6.44
C ASP A 172 -29.71 9.28 -7.24
N HIS A 173 -28.44 9.20 -6.98
CA HIS A 173 -27.36 9.98 -7.60
C HIS A 173 -27.17 9.61 -9.07
N SER A 174 -26.93 10.57 -9.94
CA SER A 174 -26.83 10.33 -11.41
C SER A 174 -25.38 10.47 -11.90
N GLY A 175 -24.44 10.77 -11.02
CA GLY A 175 -23.02 10.93 -11.36
C GLY A 175 -22.22 9.67 -11.08
N LYS A 176 -20.93 9.83 -10.87
CA LYS A 176 -19.98 8.72 -10.63
C LYS A 176 -19.48 8.83 -9.20
N THR A 177 -19.50 7.70 -8.49
CA THR A 177 -19.13 7.62 -7.06
C THR A 177 -17.93 6.70 -6.88
N VAL A 178 -16.97 7.17 -6.09
CA VAL A 178 -15.89 6.33 -5.55
C VAL A 178 -16.27 6.02 -4.10
N TRP A 179 -16.36 4.74 -3.77
CA TRP A 179 -16.86 4.30 -2.43
C TRP A 179 -15.77 3.48 -1.77
N PHE A 180 -15.21 4.02 -0.69
CA PHE A 180 -14.14 3.39 0.11
C PHE A 180 -14.77 2.48 1.16
N VAL A 181 -14.43 1.21 1.04
CA VAL A 181 -14.86 0.10 1.93
C VAL A 181 -13.67 -0.40 2.76
N PRO A 182 -13.90 -1.04 3.92
CA PRO A 182 -12.79 -1.51 4.75
C PRO A 182 -12.12 -2.81 4.29
N SER A 183 -12.75 -3.55 3.39
CA SER A 183 -12.17 -4.85 2.98
C SER A 183 -12.73 -5.26 1.65
N VAL A 184 -12.06 -6.21 1.03
CA VAL A 184 -12.56 -6.80 -0.24
C VAL A 184 -13.92 -7.45 0.01
N ARG A 185 -14.05 -8.26 1.04
CA ARG A 185 -15.31 -9.00 1.30
C ARG A 185 -16.48 -8.03 1.49
N ASN A 186 -16.26 -6.94 2.22
N ASN A 186 -16.21 -6.94 2.22
CA ASN A 186 -17.32 -5.92 2.43
CA ASN A 186 -17.22 -5.88 2.44
C ASN A 186 -17.67 -5.28 1.07
C ASN A 186 -17.65 -5.33 1.06
N GLY A 187 -16.66 -4.93 0.26
CA GLY A 187 -16.92 -4.32 -1.05
C GLY A 187 -17.74 -5.26 -1.93
N ASN A 188 -17.48 -6.56 -1.83
CA ASN A 188 -18.18 -7.57 -2.65
C ASN A 188 -19.67 -7.52 -2.34
N GLU A 189 -20.03 -7.42 -1.07
CA GLU A 189 -21.47 -7.38 -0.71
C GLU A 189 -22.07 -6.06 -1.18
N ILE A 190 -21.40 -4.92 -0.98
CA ILE A 190 -21.97 -3.63 -1.43
C ILE A 190 -22.08 -3.64 -2.96
N ALA A 191 -21.06 -4.16 -3.63
CA ALA A 191 -21.04 -4.16 -5.11
C ALA A 191 -22.22 -4.99 -5.62
N ALA A 192 -22.50 -6.15 -5.01
CA ALA A 192 -23.61 -7.03 -5.41
C ALA A 192 -24.94 -6.28 -5.21
N CYS A 193 -25.08 -5.54 -4.11
CA CYS A 193 -26.33 -4.81 -3.84
C CYS A 193 -26.54 -3.72 -4.90
N LEU A 194 -25.49 -2.96 -5.25
CA LEU A 194 -25.58 -1.92 -6.27
C LEU A 194 -25.87 -2.55 -7.64
N THR A 195 -25.20 -3.65 -7.99
CA THR A 195 -25.43 -4.39 -9.25
C THR A 195 -26.91 -4.77 -9.36
N LYS A 196 -27.47 -5.31 -8.29
CA LYS A 196 -28.89 -5.72 -8.27
C LYS A 196 -29.80 -4.50 -8.46
N ALA A 197 -29.40 -3.28 -8.07
CA ALA A 197 -30.17 -2.03 -8.22
C ALA A 197 -29.92 -1.40 -9.59
N GLY A 198 -29.17 -2.04 -10.47
CA GLY A 198 -29.01 -1.60 -11.87
C GLY A 198 -27.78 -0.77 -12.08
N LYS A 199 -26.90 -0.65 -11.07
CA LYS A 199 -25.65 0.12 -11.23
C LYS A 199 -24.53 -0.70 -11.86
N ARG A 200 -23.64 -0.01 -12.57
CA ARG A 200 -22.38 -0.58 -13.11
C ARG A 200 -21.26 -0.33 -12.11
N VAL A 201 -20.67 -1.40 -11.60
CA VAL A 201 -19.73 -1.33 -10.47
C VAL A 201 -18.39 -1.94 -10.89
N ILE A 202 -17.31 -1.24 -10.62
CA ILE A 202 -15.93 -1.76 -10.74
C ILE A 202 -15.42 -1.89 -9.31
N GLN A 203 -14.76 -2.99 -8.99
CA GLN A 203 -14.11 -3.23 -7.67
C GLN A 203 -12.58 -3.16 -7.83
N LEU A 204 -11.91 -2.43 -6.92
CA LEU A 204 -10.45 -2.29 -6.87
C LEU A 204 -9.94 -2.76 -5.51
N SER A 205 -8.83 -3.48 -5.53
CA SER A 205 -8.08 -3.87 -4.31
C SER A 205 -6.63 -3.99 -4.73
N ARG A 206 -5.73 -4.24 -3.77
CA ARG A 206 -4.28 -4.27 -4.06
C ARG A 206 -3.96 -5.25 -5.19
N LYS A 207 -4.49 -6.46 -5.10
CA LYS A 207 -4.10 -7.56 -6.01
C LYS A 207 -4.66 -7.29 -7.39
N THR A 208 -5.79 -6.60 -7.47
CA THR A 208 -6.47 -6.41 -8.79
C THR A 208 -6.15 -5.03 -9.37
N PHE A 209 -5.53 -4.13 -8.62
CA PHE A 209 -5.53 -2.69 -8.95
C PHE A 209 -4.95 -2.42 -10.36
N GLU A 210 -3.78 -2.92 -10.79
CA GLU A 210 -3.31 -2.46 -12.14
C GLU A 210 -4.34 -2.84 -13.21
N THR A 211 -4.69 -4.12 -13.29
CA THR A 211 -5.65 -4.64 -14.28
C THR A 211 -6.98 -3.88 -14.21
N GLU A 212 -7.60 -3.80 -13.03
CA GLU A 212 -9.00 -3.35 -12.89
C GLU A 212 -9.11 -1.83 -13.04
N PHE A 213 -8.07 -1.07 -12.64
CA PHE A 213 -8.10 0.41 -12.70
C PHE A 213 -8.34 0.85 -14.16
N GLN A 214 -7.80 0.10 -15.12
CA GLN A 214 -7.97 0.45 -16.57
C GLN A 214 -9.45 0.49 -16.92
N LYS A 215 -10.29 -0.33 -16.30
CA LYS A 215 -11.74 -0.35 -16.60
C LYS A 215 -12.37 1.02 -16.32
N THR A 216 -11.81 1.81 -15.41
CA THR A 216 -12.39 3.12 -15.03
C THR A 216 -12.23 4.07 -16.20
N LYS A 217 -11.27 3.78 -17.09
CA LYS A 217 -11.05 4.60 -18.31
C LYS A 217 -11.79 4.02 -19.52
N ASN A 218 -11.87 2.70 -19.64
CA ASN A 218 -12.29 1.98 -20.87
C ASN A 218 -13.81 1.72 -20.87
N GLN A 219 -14.47 1.68 -19.70
CA GLN A 219 -15.94 1.41 -19.68
C GLN A 219 -16.68 2.49 -18.89
N GLU A 220 -17.98 2.61 -19.15
CA GLU A 220 -18.84 3.52 -18.36
C GLU A 220 -19.13 2.79 -17.04
N TRP A 221 -19.18 3.54 -15.96
CA TRP A 221 -19.38 2.95 -14.62
C TRP A 221 -20.15 3.98 -13.83
N ASP A 222 -20.85 3.52 -12.81
CA ASP A 222 -21.60 4.38 -11.87
C ASP A 222 -20.86 4.43 -10.51
N PHE A 223 -20.31 3.30 -10.10
CA PHE A 223 -19.60 3.17 -8.79
C PHE A 223 -18.25 2.52 -9.00
N VAL A 224 -17.22 3.03 -8.33
CA VAL A 224 -15.98 2.27 -8.05
C VAL A 224 -16.01 1.92 -6.54
N ILE A 225 -15.97 0.64 -6.26
CA ILE A 225 -15.89 0.11 -4.87
C ILE A 225 -14.43 -0.22 -4.63
N THR A 226 -13.78 0.44 -3.69
CA THR A 226 -12.33 0.31 -3.52
C THR A 226 -11.99 0.16 -2.04
N THR A 227 -10.93 -0.60 -1.78
CA THR A 227 -10.18 -0.52 -0.53
C THR A 227 -9.28 0.71 -0.51
N ASP A 228 -8.55 0.86 0.60
CA ASP A 228 -7.65 2.00 0.84
C ASP A 228 -6.60 2.13 -0.24
N ILE A 229 -6.35 1.14 -1.14
CA ILE A 229 -5.26 1.30 -2.14
C ILE A 229 -5.48 2.54 -3.01
N SER A 230 -6.74 2.97 -3.19
CA SER A 230 -7.05 4.15 -4.04
C SER A 230 -6.74 5.46 -3.31
N GLU A 231 -6.23 5.41 -2.07
CA GLU A 231 -5.63 6.59 -1.39
C GLU A 231 -4.28 6.98 -2.04
N MET A 232 -3.69 6.14 -2.88
CA MET A 232 -2.29 6.35 -3.33
C MET A 232 -2.25 6.89 -4.77
N GLY A 233 -2.89 8.02 -5.02
CA GLY A 233 -2.73 8.76 -6.28
C GLY A 233 -3.58 8.21 -7.41
N ALA A 234 -4.61 7.40 -7.12
CA ALA A 234 -5.59 6.86 -8.08
C ALA A 234 -6.52 8.01 -8.45
N ASN A 235 -6.62 8.39 -9.72
CA ASN A 235 -7.51 9.52 -10.10
C ASN A 235 -8.68 9.02 -10.93
N PHE A 236 -9.82 9.57 -10.59
CA PHE A 236 -11.14 9.18 -11.12
C PHE A 236 -11.82 10.44 -11.62
N LYS A 237 -12.61 10.34 -12.67
CA LYS A 237 -13.45 11.47 -13.11
C LYS A 237 -14.75 11.27 -12.36
N ALA A 238 -14.79 11.61 -11.08
CA ALA A 238 -15.97 11.33 -10.24
C ALA A 238 -16.53 12.62 -9.66
N ASP A 239 -17.76 12.58 -9.21
CA ASP A 239 -18.29 13.79 -8.53
C ASP A 239 -18.70 13.48 -7.09
N ARG A 240 -18.53 12.25 -6.63
CA ARG A 240 -18.88 11.92 -5.23
C ARG A 240 -17.92 10.87 -4.70
N VAL A 241 -17.50 11.05 -3.45
CA VAL A 241 -16.88 9.97 -2.64
C VAL A 241 -17.84 9.60 -1.52
N ILE A 242 -18.09 8.31 -1.37
CA ILE A 242 -18.77 7.73 -0.19
C ILE A 242 -17.65 7.07 0.60
N ASP A 243 -17.51 7.45 1.85
CA ASP A 243 -16.39 6.97 2.66
C ASP A 243 -16.95 6.37 3.93
N SER A 244 -16.89 5.05 4.03
CA SER A 244 -17.17 4.31 5.28
C SER A 244 -16.39 4.90 6.46
N ARG A 245 -15.21 5.47 6.20
CA ARG A 245 -14.20 5.89 7.17
C ARG A 245 -13.71 4.73 8.03
N ARG A 246 -13.72 3.52 7.45
CA ARG A 246 -13.33 2.31 8.19
C ARG A 246 -12.29 1.55 7.38
N CYS A 247 -11.46 0.84 8.11
CA CYS A 247 -10.35 0.03 7.55
C CYS A 247 -10.16 -1.18 8.47
N LEU A 248 -9.41 -2.16 7.98
CA LEU A 248 -8.95 -3.30 8.81
C LEU A 248 -7.54 -2.98 9.26
N LYS A 249 -7.21 -3.42 10.47
CA LYS A 249 -5.91 -3.14 11.11
C LYS A 249 -5.29 -4.50 11.40
N PRO A 250 -4.17 -4.88 10.74
CA PRO A 250 -3.42 -6.08 11.12
C PRO A 250 -2.78 -5.80 12.49
N VAL A 251 -3.03 -6.70 13.43
CA VAL A 251 -2.56 -6.60 14.83
C VAL A 251 -1.84 -7.91 15.18
N ILE A 252 -0.61 -7.79 15.62
CA ILE A 252 0.13 -8.97 16.17
C ILE A 252 -0.31 -9.17 17.64
N LEU A 253 -0.93 -10.31 17.93
CA LEU A 253 -1.37 -10.69 19.31
C LEU A 253 -0.29 -11.57 19.97
N ASP A 254 0.22 -11.16 21.13
CA ASP A 254 1.11 -12.01 21.97
C ASP A 254 2.33 -12.47 21.19
N GLY A 255 2.85 -11.67 20.26
CA GLY A 255 4.00 -12.01 19.41
C GLY A 255 3.77 -13.27 18.57
N GLU A 256 2.55 -13.84 18.49
CA GLU A 256 2.41 -15.25 18.00
C GLU A 256 1.42 -15.44 16.84
N ARG A 257 0.56 -14.47 16.53
CA ARG A 257 -0.42 -14.58 15.41
C ARG A 257 -0.76 -13.16 14.98
N VAL A 258 -1.27 -13.04 13.76
CA VAL A 258 -1.79 -11.75 13.22
C VAL A 258 -3.28 -11.91 12.97
N ILE A 259 -4.04 -10.96 13.51
CA ILE A 259 -5.50 -10.89 13.26
C ILE A 259 -5.77 -9.61 12.45
N LEU A 260 -6.88 -9.62 11.73
CA LEU A 260 -7.36 -8.40 11.05
C LEU A 260 -8.48 -7.81 11.89
N ALA A 261 -8.09 -6.87 12.72
CA ALA A 261 -8.96 -6.21 13.70
C ALA A 261 -9.83 -5.16 13.00
N GLY A 262 -11.01 -4.97 13.55
CA GLY A 262 -11.95 -3.94 13.12
C GLY A 262 -13.12 -4.55 12.38
N PRO A 263 -13.73 -3.86 11.41
CA PRO A 263 -13.25 -2.57 10.96
C PRO A 263 -13.27 -1.49 12.03
N MET A 264 -12.38 -0.54 11.83
CA MET A 264 -12.22 0.55 12.79
C MET A 264 -11.88 1.81 12.03
N PRO A 265 -11.89 2.97 12.70
CA PRO A 265 -11.69 4.24 12.02
C PRO A 265 -10.34 4.33 11.31
N VAL A 266 -10.43 5.03 10.18
CA VAL A 266 -9.23 5.44 9.42
C VAL A 266 -8.50 6.57 10.13
N THR A 267 -7.24 6.77 9.75
CA THR A 267 -6.49 7.96 10.18
C THR A 267 -7.03 9.22 9.50
N HIS A 268 -6.65 10.37 10.02
CA HIS A 268 -6.99 11.64 9.34
C HIS A 268 -6.34 11.68 7.94
N ALA A 269 -5.11 11.20 7.80
CA ALA A 269 -4.43 11.22 6.50
C ALA A 269 -5.23 10.40 5.50
N SER A 270 -5.68 9.20 5.89
CA SER A 270 -6.45 8.32 4.98
C SER A 270 -7.74 9.04 4.60
N ALA A 271 -8.42 9.63 5.57
CA ALA A 271 -9.73 10.26 5.31
C ALA A 271 -9.53 11.43 4.35
N ALA A 272 -8.46 12.20 4.53
CA ALA A 272 -8.13 13.34 3.65
C ALA A 272 -7.82 12.84 2.23
N GLN A 273 -7.11 11.73 2.08
CA GLN A 273 -6.81 11.18 0.75
C GLN A 273 -8.04 10.62 0.06
N ARG A 274 -8.91 9.98 0.82
CA ARG A 274 -10.19 9.44 0.31
C ARG A 274 -11.02 10.62 -0.23
N ARG A 275 -11.25 11.59 0.61
CA ARG A 275 -11.97 12.81 0.20
C ARG A 275 -11.25 13.43 -1.00
N GLY A 276 -9.94 13.44 -1.00
CA GLY A 276 -9.14 14.14 -2.03
C GLY A 276 -9.28 13.53 -3.38
N ARG A 277 -10.03 12.42 -3.54
CA ARG A 277 -10.35 11.86 -4.88
C ARG A 277 -11.24 12.84 -5.63
N ILE A 278 -12.00 13.70 -4.93
CA ILE A 278 -12.93 14.64 -5.60
C ILE A 278 -12.58 16.08 -5.21
N GLY A 279 -13.27 17.06 -5.80
CA GLY A 279 -12.92 18.47 -5.64
C GLY A 279 -11.67 18.83 -6.44
N ARG A 280 -11.29 18.01 -7.42
CA ARG A 280 -10.01 18.15 -8.14
C ARG A 280 -10.16 19.06 -9.36
N ASN A 281 -11.38 19.33 -9.80
CA ASN A 281 -11.61 20.12 -11.06
C ASN A 281 -12.10 21.51 -10.69
N PRO A 282 -11.30 22.61 -10.86
CA PRO A 282 -11.74 23.94 -10.44
C PRO A 282 -12.98 24.44 -11.22
N ASN A 283 -13.30 23.77 -12.32
CA ASN A 283 -14.49 24.04 -13.17
C ASN A 283 -15.72 23.25 -12.72
N LYS A 284 -15.59 22.39 -11.72
CA LYS A 284 -16.72 21.55 -11.25
C LYS A 284 -16.82 21.68 -9.74
N PRO A 285 -17.39 22.76 -9.18
CA PRO A 285 -17.57 22.87 -7.74
C PRO A 285 -18.70 21.96 -7.31
N GLY A 286 -18.73 21.63 -6.01
CA GLY A 286 -19.86 20.93 -5.37
C GLY A 286 -19.76 19.44 -5.55
N ASP A 287 -18.57 18.95 -5.83
CA ASP A 287 -18.36 17.50 -5.62
C ASP A 287 -18.72 17.18 -4.16
N GLU A 288 -19.22 15.97 -3.89
CA GLU A 288 -19.75 15.54 -2.61
C GLU A 288 -18.81 14.57 -1.91
N TYR A 289 -18.64 14.74 -0.60
CA TYR A 289 -17.93 13.79 0.27
C TYR A 289 -18.88 13.38 1.37
N MET A 290 -19.35 12.14 1.33
CA MET A 290 -20.27 11.60 2.32
C MET A 290 -19.48 10.68 3.23
N TYR A 291 -19.39 10.96 4.52
CA TYR A 291 -18.52 10.17 5.41
C TYR A 291 -19.29 9.59 6.57
N GLY A 292 -19.00 8.31 6.89
CA GLY A 292 -19.84 7.52 7.81
C GLY A 292 -19.23 7.24 9.16
N GLY A 293 -18.24 8.00 9.58
CA GLY A 293 -17.60 7.80 10.89
C GLY A 293 -16.48 8.78 11.11
N GLY A 294 -15.98 8.81 12.32
CA GLY A 294 -14.84 9.68 12.66
C GLY A 294 -13.50 9.06 12.34
N CYS A 295 -12.44 9.82 12.56
CA CYS A 295 -11.05 9.37 12.37
C CYS A 295 -10.44 9.04 13.72
N ALA A 296 -9.37 8.25 13.70
CA ALA A 296 -8.60 7.92 14.93
C ALA A 296 -7.19 7.54 14.50
N GLU A 297 -6.20 7.55 15.39
N GLU A 297 -6.30 7.46 15.50
CA GLU A 297 -4.82 7.21 14.93
CA GLU A 297 -4.86 7.07 15.37
C GLU A 297 -4.64 5.70 15.11
C GLU A 297 -4.77 5.55 15.28
N THR A 298 -5.32 4.95 14.24
CA THR A 298 -5.35 3.46 14.15
C THR A 298 -4.06 2.93 13.53
N ASP A 299 -3.09 3.78 13.18
CA ASP A 299 -1.75 3.34 12.76
C ASP A 299 -0.91 2.95 13.99
N GLU A 300 -1.25 3.45 15.16
CA GLU A 300 -0.57 3.05 16.40
C GLU A 300 -0.78 1.58 16.68
N GLY A 301 0.31 0.84 16.74
CA GLY A 301 0.30 -0.61 17.03
C GLY A 301 -0.14 -1.41 15.82
N HIS A 302 -0.20 -0.79 14.63
CA HIS A 302 -0.56 -1.48 13.36
C HIS A 302 0.65 -2.34 12.93
N ALA A 303 0.43 -3.56 12.49
CA ALA A 303 1.53 -4.52 12.17
C ALA A 303 2.45 -3.92 11.10
N HIS A 304 1.95 -3.07 10.19
CA HIS A 304 2.84 -2.59 9.10
C HIS A 304 4.11 -1.93 9.65
N TRP A 305 4.03 -1.21 10.77
CA TRP A 305 5.23 -0.50 11.29
C TRP A 305 6.24 -1.51 11.90
N LEU A 306 5.76 -2.58 12.48
CA LEU A 306 6.63 -3.66 13.01
C LEU A 306 7.23 -4.35 11.78
N GLU A 307 6.41 -4.69 10.77
CA GLU A 307 6.91 -5.31 9.53
C GLU A 307 7.99 -4.41 8.89
N ALA A 308 7.80 -3.09 8.87
CA ALA A 308 8.81 -2.18 8.33
C ALA A 308 10.13 -2.32 9.09
N ARG A 309 10.08 -2.48 10.39
CA ARG A 309 11.30 -2.73 11.21
C ARG A 309 11.93 -4.06 10.84
N MET A 310 11.13 -5.09 10.56
CA MET A 310 11.70 -6.37 10.12
C MET A 310 12.44 -6.18 8.79
N LEU A 311 11.91 -5.36 7.89
CA LEU A 311 12.58 -5.11 6.59
C LEU A 311 13.88 -4.31 6.82
N LEU A 312 13.80 -3.21 7.59
CA LEU A 312 14.97 -2.33 7.79
C LEU A 312 16.07 -3.03 8.56
N ASP A 313 15.74 -3.92 9.48
CA ASP A 313 16.79 -4.66 10.25
C ASP A 313 17.59 -5.53 9.30
N ASN A 314 17.06 -5.82 8.09
CA ASN A 314 17.67 -6.77 7.15
C ASN A 314 18.21 -6.04 5.92
N ILE A 315 18.38 -4.73 5.98
CA ILE A 315 18.97 -3.90 4.91
C ILE A 315 20.34 -3.39 5.37
N TYR A 316 21.39 -3.65 4.58
CA TYR A 316 22.74 -3.09 4.86
C TYR A 316 22.71 -1.58 4.71
N LEU A 317 23.24 -0.87 5.71
CA LEU A 317 23.39 0.59 5.65
C LEU A 317 24.89 0.92 5.69
N GLN A 318 25.53 0.57 6.79
CA GLN A 318 26.97 0.83 7.02
C GLN A 318 27.39 -0.01 8.24
N ASP A 319 28.32 -0.93 8.04
CA ASP A 319 28.81 -1.87 9.07
C ASP A 319 27.60 -2.57 9.72
N GLY A 320 27.40 -2.36 11.01
CA GLY A 320 26.29 -3.00 11.74
C GLY A 320 25.19 -1.99 12.04
N LEU A 321 25.28 -0.77 11.51
CA LEU A 321 24.25 0.25 11.76
C LEU A 321 22.96 -0.16 11.06
N ILE A 322 21.86 0.29 11.62
CA ILE A 322 20.52 -0.08 11.09
C ILE A 322 19.70 1.19 10.93
N ALA A 323 19.04 1.32 9.79
CA ALA A 323 18.21 2.50 9.50
C ALA A 323 17.07 2.58 10.50
N SER A 324 16.77 3.79 10.96
CA SER A 324 15.62 4.10 11.83
C SER A 324 14.38 4.36 10.98
N LEU A 325 13.19 4.16 11.54
CA LEU A 325 11.97 4.69 10.89
C LEU A 325 12.08 6.22 10.79
N TYR A 326 11.46 6.75 9.77
CA TYR A 326 11.29 8.20 9.58
C TYR A 326 10.69 8.74 10.89
N ARG A 327 11.30 9.80 11.44
CA ARG A 327 11.00 10.23 12.83
C ARG A 327 9.50 10.41 13.09
N PRO A 328 8.71 11.09 12.25
CA PRO A 328 7.29 11.30 12.55
C PRO A 328 6.42 10.04 12.66
N GLU A 329 6.91 8.90 12.16
CA GLU A 329 6.09 7.67 12.24
C GLU A 329 6.83 6.64 13.10
N ALA A 330 7.91 7.01 13.79
CA ALA A 330 8.79 6.05 14.51
C ALA A 330 8.14 5.53 15.81
N ASP A 331 7.13 6.20 16.35
CA ASP A 331 6.48 5.81 17.63
C ASP A 331 5.31 4.86 17.42
N LYS A 332 4.98 4.56 16.17
CA LYS A 332 3.79 3.72 15.83
C LYS A 332 4.08 2.27 16.22
N VAL A 333 5.32 1.95 16.58
CA VAL A 333 5.71 0.55 16.92
C VAL A 333 6.67 0.59 18.11
N ALA A 334 6.53 -0.36 19.02
CA ALA A 334 7.50 -0.62 20.10
C ALA A 334 8.41 -1.73 19.59
N ALA A 335 9.54 -1.37 19.00
CA ALA A 335 10.48 -2.39 18.48
C ALA A 335 11.87 -1.96 18.90
N ILE A 336 12.77 -2.91 18.95
CA ILE A 336 14.22 -2.65 19.20
C ILE A 336 14.94 -2.71 17.85
N GLU A 337 15.55 -1.62 17.42
CA GLU A 337 16.36 -1.59 16.17
C GLU A 337 17.32 -2.77 16.25
N GLY A 338 17.31 -3.60 15.21
CA GLY A 338 18.16 -4.78 15.11
C GLY A 338 17.55 -6.05 15.65
N GLU A 339 16.39 -6.03 16.31
CA GLU A 339 15.88 -7.28 16.93
C GLU A 339 15.57 -8.35 15.88
N PHE A 340 15.33 -7.95 14.63
CA PHE A 340 14.87 -8.88 13.55
C PHE A 340 15.98 -9.10 12.56
N LYS A 341 17.20 -8.68 12.89
CA LYS A 341 18.34 -8.90 11.98
C LYS A 341 18.62 -10.39 11.84
N LEU A 342 18.55 -10.91 10.63
CA LEU A 342 18.80 -12.35 10.35
C LEU A 342 20.22 -12.57 9.84
N ARG A 343 20.79 -13.74 10.18
CA ARG A 343 22.03 -14.23 9.52
C ARG A 343 21.75 -14.45 8.02
N THR A 344 22.80 -14.47 7.20
CA THR A 344 22.74 -14.39 5.72
C THR A 344 21.72 -15.40 5.15
N GLU A 345 21.81 -16.66 5.53
CA GLU A 345 20.97 -17.71 4.91
C GLU A 345 19.50 -17.56 5.35
N GLN A 346 19.23 -17.26 6.62
CA GLN A 346 17.83 -17.01 7.08
C GLN A 346 17.31 -15.74 6.41
N ARG A 347 18.17 -14.72 6.19
CA ARG A 347 17.73 -13.50 5.48
C ARG A 347 17.32 -13.86 4.05
N LYS A 348 18.08 -14.72 3.35
CA LYS A 348 17.73 -15.11 1.97
C LYS A 348 16.35 -15.77 1.99
N THR A 349 16.15 -16.63 2.97
CA THR A 349 14.86 -17.36 3.11
C THR A 349 13.71 -16.36 3.30
N PHE A 350 13.93 -15.42 4.21
CA PHE A 350 12.95 -14.35 4.51
C PHE A 350 12.57 -13.64 3.21
N VAL A 351 13.57 -13.17 2.48
CA VAL A 351 13.34 -12.47 1.22
C VAL A 351 12.56 -13.34 0.24
N GLU A 352 12.94 -14.61 0.09
CA GLU A 352 12.24 -15.44 -0.91
C GLU A 352 10.79 -15.71 -0.50
N LEU A 353 10.53 -15.90 0.80
CA LEU A 353 9.13 -16.10 1.31
C LEU A 353 8.28 -14.86 1.00
N MET A 354 8.86 -13.68 0.99
CA MET A 354 8.07 -12.48 0.59
C MET A 354 7.97 -12.40 -0.94
N LYS A 355 9.09 -12.50 -1.65
CA LYS A 355 9.16 -12.20 -3.10
C LYS A 355 8.42 -13.31 -3.87
N ARG A 356 8.90 -14.51 -3.78
CA ARG A 356 8.30 -15.64 -4.52
C ARG A 356 7.10 -16.20 -3.73
N GLY A 357 7.27 -16.34 -2.42
CA GLY A 357 6.20 -16.88 -1.57
C GLY A 357 4.96 -16.00 -1.49
N ASP A 358 5.12 -14.71 -1.69
CA ASP A 358 4.03 -13.72 -1.55
C ASP A 358 3.42 -13.81 -0.16
N LEU A 359 4.20 -14.13 0.86
CA LEU A 359 3.67 -14.15 2.24
C LEU A 359 3.80 -12.77 2.86
N PRO A 360 2.93 -12.43 3.81
CA PRO A 360 3.11 -11.18 4.55
C PRO A 360 4.49 -11.17 5.23
N VAL A 361 5.02 -9.96 5.45
CA VAL A 361 6.37 -9.85 6.05
C VAL A 361 6.43 -10.60 7.39
N TRP A 362 5.46 -10.35 8.26
CA TRP A 362 5.47 -10.97 9.61
C TRP A 362 5.58 -12.48 9.49
N LEU A 363 4.76 -13.07 8.64
CA LEU A 363 4.71 -14.53 8.53
C LEU A 363 6.03 -15.03 7.90
N ALA A 364 6.52 -14.39 6.84
CA ALA A 364 7.84 -14.74 6.26
C ALA A 364 8.92 -14.74 7.34
N TYR A 365 8.87 -13.75 8.21
CA TYR A 365 9.88 -13.64 9.30
C TYR A 365 9.77 -14.83 10.25
N GLN A 366 8.56 -15.23 10.64
CA GLN A 366 8.40 -16.35 11.59
C GLN A 366 9.04 -17.59 10.99
N VAL A 367 8.75 -17.85 9.74
CA VAL A 367 9.24 -19.09 9.07
C VAL A 367 10.77 -19.04 8.92
N ALA A 368 11.29 -17.95 8.40
CA ALA A 368 12.75 -17.82 8.16
C ALA A 368 13.48 -17.91 9.51
N SER A 369 13.02 -17.19 10.52
CA SER A 369 13.69 -17.13 11.85
C SER A 369 13.63 -18.47 12.58
N ALA A 370 12.69 -19.34 12.21
CA ALA A 370 12.59 -20.71 12.78
C ALA A 370 13.63 -21.64 12.15
N GLY A 371 14.39 -21.20 11.13
CA GLY A 371 15.40 -22.01 10.43
C GLY A 371 14.75 -22.96 9.44
N ILE A 372 13.54 -22.67 8.98
CA ILE A 372 12.84 -23.41 7.90
C ILE A 372 13.34 -22.92 6.54
N THR A 373 13.58 -23.84 5.60
CA THR A 373 13.98 -23.43 4.23
C THR A 373 12.77 -23.12 3.37
N TYR A 374 12.97 -22.36 2.29
CA TYR A 374 11.86 -21.79 1.50
C TYR A 374 10.87 -22.89 1.07
N THR A 375 11.36 -24.02 0.57
CA THR A 375 10.49 -25.09 0.00
C THR A 375 9.93 -26.04 1.05
N ASP A 376 10.26 -25.87 2.31
CA ASP A 376 9.81 -26.80 3.38
C ASP A 376 8.46 -26.29 3.87
N ARG A 377 7.37 -26.94 3.49
CA ARG A 377 6.01 -26.47 3.79
C ARG A 377 5.38 -27.26 4.93
N ARG A 378 6.15 -28.06 5.68
CA ARG A 378 5.57 -28.86 6.80
C ARG A 378 4.83 -27.95 7.79
N TRP A 379 5.34 -26.75 8.02
CA TRP A 379 4.74 -25.78 8.97
C TRP A 379 3.32 -25.38 8.55
N CYS A 380 2.93 -25.59 7.30
CA CYS A 380 1.58 -25.19 6.85
C CYS A 380 0.52 -26.12 7.44
N PHE A 381 0.96 -27.24 8.02
CA PHE A 381 0.04 -28.33 8.42
C PHE A 381 0.17 -28.69 9.91
N ASP A 382 1.17 -28.23 10.64
CA ASP A 382 1.47 -28.79 11.99
C ASP A 382 1.15 -27.80 13.09
N GLY A 383 0.30 -26.82 12.84
CA GLY A 383 -0.11 -25.86 13.87
C GLY A 383 -1.18 -26.43 14.81
N THR A 384 -1.54 -25.65 15.82
CA THR A 384 -2.61 -26.00 16.81
C THR A 384 -3.95 -26.10 16.08
N THR A 385 -4.92 -26.81 16.64
CA THR A 385 -6.26 -26.92 16.00
C THR A 385 -6.88 -25.52 15.82
N ASN A 386 -6.62 -24.59 16.75
CA ASN A 386 -7.23 -23.25 16.71
C ASN A 386 -6.67 -22.46 15.51
N ASN A 387 -5.58 -22.94 14.88
CA ASN A 387 -4.98 -22.32 13.65
C ASN A 387 -5.55 -22.92 12.37
N THR A 388 -6.56 -23.78 12.46
CA THR A 388 -7.22 -24.35 11.29
C THR A 388 -7.81 -23.22 10.44
N ILE A 389 -7.48 -23.18 9.15
CA ILE A 389 -8.07 -22.21 8.23
C ILE A 389 -9.37 -22.80 7.67
N MET A 390 -10.40 -21.98 7.64
CA MET A 390 -11.73 -22.42 7.21
C MET A 390 -11.95 -21.94 5.77
N GLU A 391 -12.67 -22.73 4.97
N GLU A 391 -12.70 -22.75 5.00
CA GLU A 391 -13.22 -22.30 3.65
CA GLU A 391 -13.19 -22.44 3.63
C GLU A 391 -14.65 -22.82 3.55
C GLU A 391 -14.68 -22.85 3.60
N ASP A 392 -15.61 -21.91 3.37
CA ASP A 392 -17.08 -22.21 3.38
C ASP A 392 -17.48 -23.00 4.64
N SER A 393 -17.00 -22.59 5.81
CA SER A 393 -17.39 -23.08 7.14
C SER A 393 -16.96 -24.53 7.40
N VAL A 394 -16.00 -25.06 6.60
CA VAL A 394 -15.34 -26.39 6.77
C VAL A 394 -13.84 -26.13 6.77
N PRO A 395 -13.00 -26.93 7.44
CA PRO A 395 -11.55 -26.75 7.34
C PRO A 395 -11.11 -26.82 5.88
N ALA A 396 -10.20 -25.92 5.46
CA ALA A 396 -9.63 -25.87 4.11
C ALA A 396 -8.66 -27.05 4.01
N GLU A 397 -8.64 -27.70 2.87
CA GLU A 397 -7.81 -28.89 2.62
C GLU A 397 -6.99 -28.68 1.35
N VAL A 398 -5.74 -29.18 1.32
CA VAL A 398 -4.93 -29.18 0.09
C VAL A 398 -4.29 -30.56 -0.04
N TRP A 399 -3.86 -30.85 -1.24
CA TRP A 399 -2.94 -31.98 -1.44
C TRP A 399 -1.53 -31.46 -1.26
N THR A 400 -0.80 -32.07 -0.36
CA THR A 400 0.59 -31.68 -0.09
C THR A 400 1.42 -32.09 -1.31
N LYS A 401 2.63 -31.57 -1.37
CA LYS A 401 3.58 -31.95 -2.42
C LYS A 401 3.90 -33.45 -2.39
N TYR A 402 3.54 -34.16 -1.32
CA TYR A 402 3.71 -35.62 -1.16
C TYR A 402 2.51 -36.37 -1.75
N GLY A 403 1.43 -35.67 -2.02
CA GLY A 403 0.20 -36.23 -2.58
C GLY A 403 -0.77 -36.65 -1.49
N GLU A 404 -0.64 -36.10 -0.30
CA GLU A 404 -1.48 -36.44 0.88
C GLU A 404 -2.49 -35.30 1.06
N LYS A 405 -3.79 -35.59 1.22
CA LYS A 405 -4.75 -34.51 1.53
C LYS A 405 -4.60 -34.15 3.00
N ARG A 406 -4.41 -32.87 3.33
CA ARG A 406 -4.25 -32.40 4.70
C ARG A 406 -5.03 -31.11 4.91
N VAL A 407 -5.49 -30.97 6.14
CA VAL A 407 -6.10 -29.74 6.66
C VAL A 407 -5.01 -28.69 6.78
N LEU A 408 -5.37 -27.52 6.30
CA LEU A 408 -4.50 -26.34 6.39
C LEU A 408 -4.55 -25.80 7.83
N LYS A 409 -3.43 -25.87 8.53
CA LYS A 409 -3.33 -25.57 9.96
C LYS A 409 -1.93 -25.04 10.19
N PRO A 410 -1.70 -23.79 9.77
CA PRO A 410 -0.35 -23.25 9.80
C PRO A 410 0.15 -23.09 11.23
N ARG A 411 1.44 -23.34 11.40
CA ARG A 411 2.11 -23.22 12.71
C ARG A 411 1.98 -21.78 13.23
N TRP A 412 2.07 -20.80 12.32
CA TRP A 412 1.87 -19.37 12.59
C TRP A 412 0.68 -18.94 11.74
N MET A 413 -0.30 -18.32 12.38
CA MET A 413 -1.56 -17.90 11.75
C MET A 413 -1.47 -16.39 11.52
N ASP A 414 -1.49 -16.02 10.26
CA ASP A 414 -1.65 -14.62 9.82
C ASP A 414 -2.90 -14.50 8.98
N ALA A 415 -3.88 -13.79 9.51
CA ALA A 415 -5.23 -13.63 8.92
C ALA A 415 -5.15 -13.11 7.49
N ARG A 416 -4.09 -12.45 7.12
CA ARG A 416 -3.97 -11.91 5.74
C ARG A 416 -3.83 -13.04 4.72
N VAL A 417 -3.44 -14.26 5.10
CA VAL A 417 -3.33 -15.34 4.10
C VAL A 417 -4.72 -15.89 3.72
N CYS A 418 -5.80 -15.49 4.39
CA CYS A 418 -7.15 -16.07 4.10
C CYS A 418 -8.23 -15.01 4.29
N SER A 419 -7.88 -13.74 4.06
CA SER A 419 -8.76 -12.54 4.28
C SER A 419 -9.85 -12.50 3.20
N ASP A 420 -9.61 -13.14 2.06
CA ASP A 420 -10.59 -13.20 0.96
C ASP A 420 -10.32 -14.47 0.14
N HIS A 421 -11.21 -14.80 -0.79
CA HIS A 421 -11.10 -16.05 -1.57
C HIS A 421 -9.74 -16.05 -2.28
N ALA A 422 -9.34 -14.95 -2.90
CA ALA A 422 -8.08 -14.93 -3.67
C ALA A 422 -6.88 -15.17 -2.76
N ALA A 423 -6.86 -14.56 -1.57
CA ALA A 423 -5.75 -14.77 -0.63
C ALA A 423 -5.67 -16.26 -0.31
N LEU A 424 -6.80 -16.86 0.08
CA LEU A 424 -6.79 -18.27 0.54
C LEU A 424 -6.36 -19.17 -0.64
N LYS A 425 -6.80 -18.86 -1.85
CA LYS A 425 -6.37 -19.65 -3.03
C LYS A 425 -4.85 -19.62 -3.11
N SER A 426 -4.26 -18.43 -2.98
CA SER A 426 -2.79 -18.27 -3.09
C SER A 426 -2.10 -19.04 -1.96
N PHE A 427 -2.64 -18.97 -0.77
CA PHE A 427 -2.01 -19.67 0.36
C PHE A 427 -2.10 -21.19 0.19
N LYS A 428 -3.25 -21.66 -0.28
CA LYS A 428 -3.40 -23.11 -0.59
C LYS A 428 -2.33 -23.54 -1.59
N GLU A 429 -2.07 -22.74 -2.62
CA GLU A 429 -1.06 -23.07 -3.67
C GLU A 429 0.31 -23.14 -3.01
N PHE A 430 0.58 -22.19 -2.12
CA PHE A 430 1.85 -22.16 -1.39
C PHE A 430 2.01 -23.42 -0.52
N ALA A 431 0.98 -23.77 0.24
CA ALA A 431 1.03 -24.91 1.16
C ALA A 431 1.27 -26.20 0.36
N ALA A 432 0.71 -26.25 -0.84
CA ALA A 432 0.86 -27.42 -1.75
C ALA A 432 2.24 -27.51 -2.41
N GLY A 433 3.11 -26.52 -2.25
CA GLY A 433 4.44 -26.48 -2.90
C GLY A 433 4.40 -26.05 -4.35
N LYS A 434 3.39 -25.30 -4.76
CA LYS A 434 3.16 -24.94 -6.18
C LYS A 434 3.93 -23.68 -6.54
N ARG A 435 4.56 -23.03 -5.56
CA ARG A 435 5.52 -21.94 -5.90
C ARG A 435 6.54 -21.84 -4.76
#